data_3C0P
#
_entry.id   3C0P
#
_cell.length_a   250.7
_cell.length_b   50.2
_cell.length_c   51.2
_cell.angle_alpha   90.0
_cell.angle_beta   93.8
_cell.angle_gamma   90.0
#
_symmetry.space_group_name_H-M   'C 1 2 1'
#
loop_
_entity.id
_entity.type
_entity.pdbx_description
1 polymer 'Cytokinin dehydrogenase 1'
2 branched 2-acetamido-2-deoxy-beta-D-glucopyranose-(1-4)-2-acetamido-2-deoxy-beta-D-glucopyranose
3 non-polymer 2-acetamido-2-deoxy-beta-D-glucopyranose
4 non-polymer 'FLAVIN-ADENINE DINUCLEOTIDE'
5 non-polymer N6-(buta-2,3-dienyl)adenine
6 non-polymer GLYCEROL
7 water water
#
_entity_poly.entity_id   1
_entity_poly.type   'polypeptide(L)'
_entity_poly.pdbx_seq_one_letter_code
;LAAGTPALGDDRGRPWPASLAALALDGKLRTDSNATAAASTDFGNITSALPAAVLYPSSTADLVALLSAANSTPGWPYTI
AFRGRGHSLMGQAFAPGGVVVNMASLGDAAAPPRINVSADGRYVDAGGEQVWIDVLRASLARGVAPRSWTDYLYLTVGGT
LSNAGISGQAFRHGPQISNVLEMDVITGHGEMVTCSKQLNADLFDAVLGGLGQFGVITRARIAVEPAPARARWVRLVYTD
FAAFSADQERLTAPRPGGGGASFGPMSYVEGSVFVNQSLATDLANTGFFTDADVARIVALAGERNATTVYSIEATLNYDN
ATAAAAAVDQELASVLGTLSYVEGFAFQRDVAYAAFLDRVHGEEVALNKLGLWRVPHPWLNMFVPRSRIADFDRGVFKGI
LQGTDIVGPLIVYPLNKSMWDDGMSAATPSEDVFYAVSLLFSSVAPNDLARLQEQNRRILRFCDLAGIQYKTYLARHTDR
SDWVRHFGAAKWNRFVEMKNKYDPKRLLSPGQDIFN
;
_entity_poly.pdbx_strand_id   A
#
loop_
_chem_comp.id
_chem_comp.type
_chem_comp.name
_chem_comp.formula
FAD non-polymer 'FLAVIN-ADENINE DINUCLEOTIDE' 'C27 H33 N9 O15 P2'
GOL non-polymer GLYCEROL 'C3 H8 O3'
HA8 non-polymer N6-(buta-2,3-dienyl)adenine 'C9 H9 N5'
NAG D-saccharide, beta linking 2-acetamido-2-deoxy-beta-D-glucopyranose 'C8 H15 N O6'
#
# COMPACT_ATOMS: atom_id res chain seq x y z
N PRO A 15 -2.96 16.80 -36.72
CA PRO A 15 -4.41 16.86 -36.53
C PRO A 15 -4.89 16.24 -35.21
N TRP A 16 -5.91 16.83 -34.62
CA TRP A 16 -6.48 16.36 -33.36
C TRP A 16 -7.85 15.74 -33.59
N PRO A 17 -8.12 14.61 -32.91
CA PRO A 17 -9.43 13.99 -33.09
C PRO A 17 -10.48 14.92 -32.50
N ALA A 18 -11.69 14.90 -33.06
CA ALA A 18 -12.76 15.77 -32.58
C ALA A 18 -12.97 15.69 -31.06
N SER A 19 -13.01 14.47 -30.53
CA SER A 19 -13.21 14.28 -29.10
C SER A 19 -12.04 14.81 -28.26
N LEU A 20 -10.83 14.73 -28.80
CA LEU A 20 -9.65 15.22 -28.08
C LEU A 20 -9.66 16.75 -28.04
N ALA A 21 -9.99 17.36 -29.18
CA ALA A 21 -10.04 18.80 -29.27
C ALA A 21 -11.15 19.35 -28.38
N ALA A 22 -12.24 18.60 -28.29
CA ALA A 22 -13.38 19.00 -27.45
C ALA A 22 -12.95 19.15 -26.00
N LEU A 23 -12.05 18.26 -25.57
CA LEU A 23 -11.55 18.31 -24.20
C LEU A 23 -10.79 19.61 -23.97
N ALA A 24 -10.09 20.08 -24.99
CA ALA A 24 -9.34 21.32 -24.89
C ALA A 24 -10.27 22.52 -24.72
N LEU A 25 -11.34 22.55 -25.51
CA LEU A 25 -12.32 23.64 -25.44
C LEU A 25 -12.97 23.75 -24.06
N ASP A 26 -13.43 22.63 -23.55
CA ASP A 26 -14.11 22.59 -22.24
C ASP A 26 -13.18 22.91 -21.08
N GLY A 27 -11.90 23.16 -21.38
CA GLY A 27 -10.95 23.47 -20.33
C GLY A 27 -10.55 22.27 -19.50
N LYS A 28 -10.63 21.08 -20.08
CA LYS A 28 -10.25 19.87 -19.37
C LYS A 28 -8.75 19.57 -19.51
N LEU A 29 -8.16 20.06 -20.61
CA LEU A 29 -6.73 19.89 -20.85
C LEU A 29 -6.02 21.18 -20.47
N ARG A 30 -5.28 21.15 -19.37
CA ARG A 30 -4.57 22.33 -18.91
C ARG A 30 -3.07 22.21 -19.10
N THR A 31 -2.45 23.28 -19.60
CA THR A 31 -1.01 23.31 -19.83
C THR A 31 -0.34 24.37 -18.97
N ASP A 32 -1.15 25.14 -18.24
CA ASP A 32 -0.63 26.20 -17.38
C ASP A 32 0.32 25.61 -16.33
N SER A 33 1.32 26.40 -15.96
CA SER A 33 2.31 25.96 -14.98
C SER A 33 1.69 25.55 -13.64
N ASN A 34 0.51 26.08 -13.33
CA ASN A 34 -0.15 25.75 -12.08
C ASN A 34 -0.54 24.28 -12.06
N ALA A 35 -1.16 23.83 -13.16
CA ALA A 35 -1.60 22.45 -13.28
C ALA A 35 -0.42 21.48 -13.38
N THR A 36 0.44 21.72 -14.35
CA THR A 36 1.61 20.86 -14.58
C THR A 36 2.51 20.73 -13.36
N ALA A 37 2.62 21.81 -12.59
CA ALA A 37 3.47 21.81 -11.40
C ALA A 37 2.89 20.90 -10.31
N ALA A 38 1.58 20.97 -10.13
CA ALA A 38 0.90 20.16 -9.13
C ALA A 38 1.05 18.67 -9.41
N ALA A 39 1.10 18.32 -10.70
CA ALA A 39 1.22 16.92 -11.08
C ALA A 39 2.68 16.54 -11.37
N SER A 40 3.61 17.37 -10.91
CA SER A 40 5.03 17.12 -11.14
C SER A 40 5.76 16.56 -9.91
N THR A 41 5.08 16.48 -8.78
CA THR A 41 5.71 15.97 -7.56
C THR A 41 4.84 14.91 -6.89
N ASP A 42 5.44 14.14 -5.99
CA ASP A 42 4.67 13.11 -5.29
C ASP A 42 5.07 13.04 -3.82
N PHE A 43 4.47 12.10 -3.10
CA PHE A 43 4.74 11.94 -1.68
C PHE A 43 6.21 11.69 -1.35
N GLY A 44 6.91 11.02 -2.25
CA GLY A 44 8.31 10.74 -2.02
C GLY A 44 9.09 12.02 -1.82
N ASN A 45 8.74 13.05 -2.59
CA ASN A 45 9.39 14.36 -2.49
C ASN A 45 10.88 14.20 -2.77
N ILE A 46 11.22 13.27 -3.65
CA ILE A 46 12.61 13.03 -3.99
C ILE A 46 12.86 13.30 -5.47
N THR A 47 11.94 12.82 -6.31
CA THR A 47 12.03 13.01 -7.75
C THR A 47 10.87 13.87 -8.20
N SER A 48 11.03 14.51 -9.36
CA SER A 48 9.98 15.36 -9.93
C SER A 48 10.14 15.39 -11.43
N ALA A 49 9.03 15.62 -12.13
CA ALA A 49 9.04 15.68 -13.59
C ALA A 49 7.78 16.38 -14.08
N LEU A 50 7.96 17.44 -14.84
CA LEU A 50 6.82 18.20 -15.37
C LEU A 50 6.21 17.54 -16.60
N PRO A 51 4.87 17.42 -16.62
CA PRO A 51 4.19 16.82 -17.76
C PRO A 51 3.89 17.93 -18.75
N ALA A 52 3.49 17.57 -19.97
CA ALA A 52 3.16 18.58 -20.98
C ALA A 52 1.77 19.15 -20.69
N ALA A 53 0.91 18.31 -20.13
CA ALA A 53 -0.45 18.73 -19.81
C ALA A 53 -1.08 17.85 -18.75
N VAL A 54 -2.21 18.32 -18.20
CA VAL A 54 -2.95 17.58 -17.18
C VAL A 54 -4.40 17.50 -17.61
N LEU A 55 -4.98 16.29 -17.55
CA LEU A 55 -6.37 16.09 -17.92
C LEU A 55 -7.25 16.03 -16.68
N TYR A 56 -8.33 16.81 -16.70
CA TYR A 56 -9.28 16.83 -15.59
C TYR A 56 -10.61 16.31 -16.13
N PRO A 57 -10.70 14.98 -16.33
CA PRO A 57 -11.91 14.32 -16.85
C PRO A 57 -13.13 14.46 -15.96
N SER A 58 -14.30 14.61 -16.58
CA SER A 58 -15.54 14.73 -15.83
C SER A 58 -16.30 13.42 -15.91
N SER A 59 -15.90 12.56 -16.84
CA SER A 59 -16.53 11.26 -17.02
C SER A 59 -15.56 10.29 -17.67
N THR A 60 -15.88 9.01 -17.65
CA THR A 60 -15.02 8.00 -18.25
C THR A 60 -14.92 8.22 -19.76
N ALA A 61 -15.91 8.89 -20.33
CA ALA A 61 -15.90 9.16 -21.76
C ALA A 61 -14.67 9.98 -22.14
N ASP A 62 -14.26 10.89 -21.26
CA ASP A 62 -13.09 11.72 -21.51
C ASP A 62 -11.81 10.90 -21.54
N LEU A 63 -11.77 9.82 -20.75
CA LEU A 63 -10.60 8.96 -20.71
C LEU A 63 -10.52 8.15 -22.01
N VAL A 64 -11.68 7.74 -22.51
CA VAL A 64 -11.74 6.99 -23.76
C VAL A 64 -11.24 7.88 -24.88
N ALA A 65 -11.68 9.14 -24.89
CA ALA A 65 -11.27 10.10 -25.91
C ALA A 65 -9.76 10.25 -25.98
N LEU A 66 -9.13 10.46 -24.83
CA LEU A 66 -7.68 10.61 -24.75
C LEU A 66 -6.95 9.37 -25.26
N LEU A 67 -7.29 8.22 -24.70
CA LEU A 67 -6.65 6.96 -25.06
C LEU A 67 -6.95 6.52 -26.50
N SER A 68 -8.15 6.80 -26.99
CA SER A 68 -8.50 6.43 -28.36
C SER A 68 -7.65 7.27 -29.30
N ALA A 69 -7.51 8.54 -28.97
CA ALA A 69 -6.71 9.46 -29.76
C ALA A 69 -5.28 8.92 -29.86
N ALA A 70 -4.65 8.72 -28.71
CA ALA A 70 -3.29 8.22 -28.66
C ALA A 70 -3.14 6.91 -29.44
N ASN A 71 -4.14 6.04 -29.33
CA ASN A 71 -4.11 4.76 -30.01
C ASN A 71 -4.25 4.87 -31.53
N SER A 72 -5.00 5.86 -32.00
CA SER A 72 -5.21 6.03 -33.43
C SER A 72 -4.23 6.97 -34.09
N THR A 73 -3.65 7.89 -33.32
CA THR A 73 -2.70 8.86 -33.86
C THR A 73 -1.28 8.31 -34.02
N PRO A 74 -0.85 8.05 -35.27
CA PRO A 74 0.49 7.52 -35.51
C PRO A 74 1.56 8.50 -35.03
N GLY A 75 2.55 7.99 -34.32
CA GLY A 75 3.62 8.84 -33.83
C GLY A 75 3.26 9.61 -32.56
N TRP A 76 2.11 9.31 -31.97
CA TRP A 76 1.69 9.97 -30.74
C TRP A 76 2.86 9.91 -29.75
N PRO A 77 3.40 11.08 -29.36
CA PRO A 77 4.52 11.17 -28.44
C PRO A 77 4.21 11.51 -26.98
N TYR A 78 2.97 11.34 -26.56
CA TYR A 78 2.63 11.67 -25.18
C TYR A 78 2.35 10.48 -24.26
N THR A 79 3.22 10.29 -23.27
CA THR A 79 3.03 9.21 -22.32
C THR A 79 1.87 9.66 -21.43
N ILE A 80 1.17 8.69 -20.84
CA ILE A 80 0.02 9.00 -19.99
C ILE A 80 0.06 8.27 -18.66
N ALA A 81 -0.14 9.02 -17.58
CA ALA A 81 -0.15 8.46 -16.24
C ALA A 81 -1.47 8.81 -15.56
N PHE A 82 -1.87 8.02 -14.57
CA PHE A 82 -3.12 8.26 -13.86
C PHE A 82 -2.83 8.62 -12.41
N ARG A 83 -2.94 9.89 -12.07
CA ARG A 83 -2.66 10.33 -10.70
C ARG A 83 -3.81 10.15 -9.74
N GLY A 84 -3.65 9.21 -8.82
CA GLY A 84 -4.68 8.97 -7.82
C GLY A 84 -4.55 10.09 -6.81
N ARG A 85 -3.68 9.91 -5.83
CA ARG A 85 -3.44 10.93 -4.82
C ARG A 85 -1.94 11.17 -4.71
N GLY A 86 -1.19 10.65 -5.67
CA GLY A 86 0.25 10.81 -5.70
C GLY A 86 1.05 10.31 -4.51
N HIS A 87 0.66 9.18 -3.93
CA HIS A 87 1.43 8.66 -2.80
C HIS A 87 2.64 7.86 -3.25
N SER A 88 2.89 7.86 -4.55
CA SER A 88 4.04 7.16 -5.10
C SER A 88 5.27 7.77 -4.44
N LEU A 89 6.36 7.01 -4.40
CA LEU A 89 7.61 7.46 -3.77
C LEU A 89 8.70 7.90 -4.72
N MET A 90 8.71 7.36 -5.93
CA MET A 90 9.75 7.73 -6.90
C MET A 90 9.24 8.04 -8.30
N GLY A 91 8.22 8.90 -8.37
CA GLY A 91 7.67 9.34 -9.64
C GLY A 91 6.84 8.37 -10.46
N GLN A 92 6.33 7.30 -9.84
CA GLN A 92 5.52 6.33 -10.58
C GLN A 92 4.24 6.92 -11.17
N ALA A 93 3.84 8.10 -10.70
CA ALA A 93 2.63 8.73 -11.22
C ALA A 93 2.90 9.93 -12.14
N PHE A 94 4.16 10.11 -12.54
CA PHE A 94 4.50 11.21 -13.44
C PHE A 94 4.43 10.79 -14.91
N ALA A 95 4.36 11.79 -15.78
CA ALA A 95 4.33 11.57 -17.22
C ALA A 95 5.24 12.66 -17.79
N PRO A 96 6.56 12.45 -17.70
CA PRO A 96 7.53 13.44 -18.21
C PRO A 96 7.22 13.87 -19.63
N GLY A 97 6.95 15.16 -19.81
CA GLY A 97 6.65 15.70 -21.12
C GLY A 97 5.43 15.04 -21.74
N GLY A 98 4.59 14.46 -20.90
CA GLY A 98 3.40 13.81 -21.40
C GLY A 98 2.11 14.35 -20.79
N VAL A 99 1.13 13.46 -20.61
CA VAL A 99 -0.15 13.88 -20.05
C VAL A 99 -0.47 13.14 -18.75
N VAL A 100 -0.76 13.91 -17.70
CA VAL A 100 -1.12 13.34 -16.42
C VAL A 100 -2.62 13.48 -16.22
N VAL A 101 -3.29 12.35 -15.96
CA VAL A 101 -4.73 12.39 -15.74
C VAL A 101 -5.03 12.62 -14.25
N ASN A 102 -5.75 13.69 -13.95
CA ASN A 102 -6.11 14.01 -12.58
C ASN A 102 -7.39 13.22 -12.26
N MET A 103 -7.19 11.95 -11.89
CA MET A 103 -8.29 11.02 -11.59
C MET A 103 -9.41 11.53 -10.70
N ALA A 104 -9.08 12.29 -9.67
CA ALA A 104 -10.06 12.81 -8.73
C ALA A 104 -11.18 13.59 -9.43
N SER A 105 -10.89 14.15 -10.61
CA SER A 105 -11.89 14.91 -11.35
C SER A 105 -13.13 14.07 -11.67
N LEU A 106 -12.94 12.76 -11.79
CA LEU A 106 -14.05 11.85 -12.09
C LEU A 106 -15.11 11.85 -11.00
N GLY A 107 -14.75 12.28 -9.80
CA GLY A 107 -15.69 12.29 -8.70
C GLY A 107 -16.16 13.64 -8.21
N ASP A 108 -15.96 14.69 -9.00
CA ASP A 108 -16.38 16.02 -8.60
C ASP A 108 -17.89 16.21 -8.77
N ALA A 109 -18.45 15.63 -9.83
CA ALA A 109 -19.87 15.74 -10.10
C ALA A 109 -20.68 15.18 -8.92
N ALA A 110 -21.60 15.99 -8.39
CA ALA A 110 -22.42 15.56 -7.27
C ALA A 110 -23.27 14.33 -7.61
N ALA A 111 -23.29 13.96 -8.89
CA ALA A 111 -24.07 12.80 -9.35
C ALA A 111 -23.66 12.38 -10.75
N PRO A 112 -23.77 11.07 -11.06
CA PRO A 112 -24.22 10.01 -10.15
C PRO A 112 -23.14 9.64 -9.13
N PRO A 113 -23.51 8.91 -8.07
CA PRO A 113 -22.55 8.50 -7.05
C PRO A 113 -21.42 7.66 -7.62
N ARG A 114 -20.23 7.81 -7.04
CA ARG A 114 -19.06 7.08 -7.50
C ARG A 114 -18.82 5.83 -6.64
N ILE A 115 -19.61 5.70 -5.57
CA ILE A 115 -19.51 4.56 -4.66
C ILE A 115 -20.91 4.03 -4.41
N ASN A 116 -21.15 2.78 -4.81
CA ASN A 116 -22.47 2.18 -4.64
C ASN A 116 -22.42 0.80 -3.99
N VAL A 117 -22.98 0.70 -2.80
CA VAL A 117 -23.03 -0.58 -2.08
C VAL A 117 -24.14 -1.43 -2.69
N SER A 118 -23.83 -2.68 -3.03
CA SER A 118 -24.83 -3.57 -3.62
C SER A 118 -26.05 -3.73 -2.73
N ALA A 119 -27.19 -4.00 -3.37
CA ALA A 119 -28.44 -4.19 -2.64
C ALA A 119 -28.34 -5.34 -1.64
N ASP A 120 -27.65 -6.42 -2.03
CA ASP A 120 -27.51 -7.57 -1.16
C ASP A 120 -26.41 -7.42 -0.10
N GLY A 121 -25.69 -6.30 -0.14
CA GLY A 121 -24.63 -6.05 0.82
C GLY A 121 -23.44 -6.98 0.76
N ARG A 122 -23.17 -7.55 -0.41
CA ARG A 122 -22.06 -8.48 -0.58
C ARG A 122 -20.81 -7.80 -1.17
N TYR A 123 -20.97 -6.60 -1.69
CA TYR A 123 -19.85 -5.86 -2.27
C TYR A 123 -20.16 -4.38 -2.43
N VAL A 124 -19.16 -3.62 -2.85
CA VAL A 124 -19.32 -2.19 -3.05
C VAL A 124 -18.58 -1.77 -4.33
N ASP A 125 -19.29 -1.05 -5.20
CA ASP A 125 -18.69 -0.57 -6.43
C ASP A 125 -18.10 0.80 -6.13
N ALA A 126 -16.87 1.02 -6.59
CA ALA A 126 -16.22 2.30 -6.34
C ALA A 126 -15.44 2.74 -7.56
N GLY A 127 -15.49 4.05 -7.85
CA GLY A 127 -14.75 4.56 -8.98
C GLY A 127 -13.27 4.39 -8.68
N GLY A 128 -12.46 4.20 -9.71
CA GLY A 128 -11.02 4.01 -9.50
C GLY A 128 -10.35 5.19 -8.82
N GLU A 129 -10.96 6.37 -8.93
CA GLU A 129 -10.39 7.58 -8.34
C GLU A 129 -10.73 7.80 -6.87
N GLN A 130 -11.78 7.13 -6.40
CA GLN A 130 -12.21 7.29 -5.01
C GLN A 130 -11.13 6.86 -4.02
N VAL A 131 -11.07 7.58 -2.91
CA VAL A 131 -10.11 7.27 -1.87
C VAL A 131 -10.78 6.31 -0.90
N TRP A 132 -10.01 5.35 -0.40
CA TRP A 132 -10.53 4.35 0.51
C TRP A 132 -11.27 4.90 1.72
N ILE A 133 -10.83 6.03 2.26
CA ILE A 133 -11.51 6.61 3.42
C ILE A 133 -13.00 6.84 3.09
N ASP A 134 -13.28 7.25 1.86
CA ASP A 134 -14.65 7.48 1.46
C ASP A 134 -15.37 6.18 1.16
N VAL A 135 -14.65 5.21 0.62
CA VAL A 135 -15.25 3.90 0.33
C VAL A 135 -15.73 3.35 1.67
N LEU A 136 -14.94 3.59 2.71
CA LEU A 136 -15.25 3.13 4.07
C LEU A 136 -16.49 3.80 4.65
N ARG A 137 -16.56 5.13 4.51
CA ARG A 137 -17.70 5.87 5.04
C ARG A 137 -19.00 5.46 4.34
N ALA A 138 -18.93 5.29 3.02
CA ALA A 138 -20.09 4.91 2.23
C ALA A 138 -20.53 3.47 2.52
N SER A 139 -19.59 2.64 2.93
CA SER A 139 -19.90 1.24 3.25
C SER A 139 -20.50 1.13 4.64
N LEU A 140 -19.92 1.84 5.60
CA LEU A 140 -20.41 1.83 6.98
C LEU A 140 -21.85 2.34 7.07
N ALA A 141 -22.20 3.26 6.17
CA ALA A 141 -23.55 3.80 6.15
C ALA A 141 -24.53 2.66 5.87
N ARG A 142 -24.07 1.66 5.12
CA ARG A 142 -24.88 0.50 4.77
C ARG A 142 -24.57 -0.74 5.61
N GLY A 143 -23.89 -0.55 6.74
CA GLY A 143 -23.56 -1.64 7.65
C GLY A 143 -22.52 -2.66 7.21
N VAL A 144 -21.73 -2.33 6.19
CA VAL A 144 -20.69 -3.24 5.70
C VAL A 144 -19.34 -2.52 5.53
N ALA A 145 -18.30 -3.26 5.16
CA ALA A 145 -16.98 -2.67 4.97
C ALA A 145 -15.99 -3.60 4.30
N PRO A 146 -15.09 -3.04 3.47
CA PRO A 146 -14.09 -3.89 2.80
C PRO A 146 -13.39 -4.75 3.86
N ARG A 147 -12.80 -5.86 3.43
CA ARG A 147 -12.14 -6.78 4.35
C ARG A 147 -10.62 -6.60 4.44
N SER A 148 -10.03 -6.05 3.38
CA SER A 148 -8.59 -5.87 3.31
C SER A 148 -8.28 -4.39 3.09
N TRP A 149 -7.33 -3.87 3.86
CA TRP A 149 -6.97 -2.46 3.78
C TRP A 149 -5.48 -2.18 3.61
N THR A 150 -5.16 -0.89 3.67
CA THR A 150 -3.80 -0.39 3.64
C THR A 150 -3.75 0.34 4.99
N ASP A 151 -2.56 0.59 5.53
CA ASP A 151 -2.42 1.27 6.81
C ASP A 151 -3.00 2.68 6.80
N TYR A 152 -2.92 3.32 5.64
CA TYR A 152 -3.35 4.72 5.42
C TYR A 152 -4.53 4.72 4.43
N LEU A 153 -5.63 5.39 4.79
CA LEU A 153 -6.82 5.39 3.94
C LEU A 153 -6.94 6.46 2.86
N TYR A 154 -6.06 7.44 2.84
CA TYR A 154 -6.17 8.48 1.82
C TYR A 154 -5.38 8.14 0.55
N LEU A 155 -5.73 6.99 -0.03
CA LEU A 155 -5.12 6.48 -1.24
C LEU A 155 -6.30 6.10 -2.13
N THR A 156 -6.10 6.04 -3.44
CA THR A 156 -7.20 5.69 -4.32
C THR A 156 -7.34 4.19 -4.52
N VAL A 157 -8.52 3.79 -4.93
CA VAL A 157 -8.83 2.39 -5.20
C VAL A 157 -7.94 1.88 -6.32
N GLY A 158 -7.88 2.64 -7.41
CA GLY A 158 -7.08 2.25 -8.56
C GLY A 158 -5.59 2.24 -8.25
N GLY A 159 -5.16 3.14 -7.38
CA GLY A 159 -3.76 3.20 -6.99
C GLY A 159 -3.30 2.00 -6.17
N THR A 160 -4.05 1.65 -5.14
CA THR A 160 -3.64 0.50 -4.33
C THR A 160 -3.81 -0.80 -5.11
N LEU A 161 -4.84 -0.87 -5.94
CA LEU A 161 -5.07 -2.08 -6.74
C LEU A 161 -3.99 -2.25 -7.80
N SER A 162 -3.34 -1.16 -8.19
CA SER A 162 -2.28 -1.22 -9.19
C SER A 162 -0.99 -1.75 -8.54
N ASN A 163 -0.97 -1.78 -7.22
CA ASN A 163 0.20 -2.27 -6.48
C ASN A 163 -0.12 -3.60 -5.82
N ALA A 164 -1.01 -3.58 -4.83
CA ALA A 164 -1.45 -4.79 -4.13
C ALA A 164 -2.41 -4.40 -3.04
N GLY A 165 -1.96 -3.48 -2.18
CA GLY A 165 -2.79 -3.02 -1.09
C GLY A 165 -2.67 -3.98 0.07
N ILE A 166 -1.74 -3.72 0.98
CA ILE A 166 -1.56 -4.59 2.13
C ILE A 166 -1.57 -3.89 3.47
N SER A 167 -2.03 -4.63 4.47
CA SER A 167 -2.09 -4.18 5.85
C SER A 167 -2.19 -5.42 6.72
N GLY A 168 -2.52 -5.21 8.00
CA GLY A 168 -2.60 -6.33 8.92
C GLY A 168 -3.68 -7.37 8.69
N GLN A 169 -4.55 -7.16 7.70
CA GLN A 169 -5.62 -8.12 7.43
C GLN A 169 -5.25 -9.08 6.29
N ALA A 170 -4.23 -8.72 5.53
CA ALA A 170 -3.82 -9.52 4.37
C ALA A 170 -3.48 -10.98 4.67
N PHE A 171 -3.04 -11.28 5.87
CA PHE A 171 -2.69 -12.66 6.21
C PHE A 171 -3.90 -13.58 6.14
N ARG A 172 -5.09 -13.04 6.40
CA ARG A 172 -6.28 -13.89 6.37
C ARG A 172 -7.28 -13.60 5.24
N HIS A 173 -7.15 -12.45 4.58
CA HIS A 173 -8.07 -12.11 3.49
C HIS A 173 -7.29 -11.82 2.21
N GLY A 174 -5.96 -11.83 2.32
CA GLY A 174 -5.13 -11.55 1.17
C GLY A 174 -5.08 -10.05 0.95
N PRO A 175 -4.22 -9.56 0.05
CA PRO A 175 -4.14 -8.12 -0.22
C PRO A 175 -5.42 -7.63 -0.88
N GLN A 176 -5.55 -6.33 -1.07
CA GLN A 176 -6.75 -5.79 -1.69
C GLN A 176 -7.00 -6.34 -3.09
N ILE A 177 -5.93 -6.70 -3.81
CA ILE A 177 -6.10 -7.25 -5.14
C ILE A 177 -6.74 -8.65 -5.11
N SER A 178 -6.84 -9.24 -3.91
CA SER A 178 -7.46 -10.56 -3.77
C SER A 178 -8.92 -10.41 -3.34
N ASN A 179 -9.38 -9.17 -3.23
CA ASN A 179 -10.75 -8.90 -2.81
C ASN A 179 -11.50 -8.05 -3.83
N VAL A 180 -11.28 -8.35 -5.11
CA VAL A 180 -11.94 -7.63 -6.20
C VAL A 180 -12.72 -8.63 -7.06
N LEU A 181 -14.02 -8.39 -7.23
CA LEU A 181 -14.87 -9.29 -8.02
C LEU A 181 -14.79 -9.00 -9.51
N GLU A 182 -14.69 -7.73 -9.88
CA GLU A 182 -14.59 -7.35 -11.28
C GLU A 182 -14.22 -5.88 -11.40
N MET A 183 -13.84 -5.46 -12.60
CA MET A 183 -13.47 -4.08 -12.83
C MET A 183 -13.86 -3.59 -14.22
N ASP A 184 -13.92 -2.26 -14.36
CA ASP A 184 -14.16 -1.63 -15.64
C ASP A 184 -12.78 -1.04 -15.93
N VAL A 185 -12.21 -1.37 -17.08
CA VAL A 185 -10.89 -0.88 -17.45
C VAL A 185 -10.88 -0.31 -18.86
N ILE A 186 -10.11 0.76 -19.07
CA ILE A 186 -9.98 1.37 -20.39
C ILE A 186 -8.52 1.11 -20.78
N THR A 187 -8.32 0.19 -21.71
CA THR A 187 -6.99 -0.19 -22.16
C THR A 187 -6.23 0.91 -22.90
N GLY A 188 -4.96 0.62 -23.22
CA GLY A 188 -4.15 1.57 -23.95
C GLY A 188 -4.67 1.78 -25.36
N HIS A 189 -5.62 0.94 -25.75
CA HIS A 189 -6.24 1.03 -27.08
C HIS A 189 -7.45 1.95 -27.00
N GLY A 190 -7.81 2.34 -25.78
CA GLY A 190 -8.95 3.22 -25.58
C GLY A 190 -10.27 2.49 -25.48
N GLU A 191 -10.22 1.17 -25.44
CA GLU A 191 -11.43 0.36 -25.35
C GLU A 191 -11.92 0.15 -23.91
N MET A 192 -13.22 0.31 -23.72
CA MET A 192 -13.83 0.13 -22.40
C MET A 192 -14.11 -1.37 -22.25
N VAL A 193 -13.54 -1.98 -21.22
CA VAL A 193 -13.74 -3.41 -21.00
C VAL A 193 -14.03 -3.75 -19.54
N THR A 194 -15.04 -4.60 -19.33
CA THR A 194 -15.37 -5.06 -17.98
C THR A 194 -14.72 -6.42 -17.84
N CYS A 195 -13.99 -6.64 -16.76
CA CYS A 195 -13.31 -7.92 -16.57
C CYS A 195 -13.43 -8.49 -15.16
N SER A 196 -13.20 -9.79 -15.09
CA SER A 196 -13.26 -10.54 -13.83
C SER A 196 -12.63 -11.89 -14.12
N LYS A 197 -12.72 -12.82 -13.16
CA LYS A 197 -12.15 -14.14 -13.34
C LYS A 197 -12.86 -14.92 -14.44
N GLN A 198 -14.09 -14.51 -14.78
CA GLN A 198 -14.86 -15.20 -15.80
C GLN A 198 -15.05 -14.41 -17.10
N LEU A 199 -14.56 -13.18 -17.15
CA LEU A 199 -14.71 -12.35 -18.33
C LEU A 199 -13.45 -11.52 -18.59
N ASN A 200 -12.78 -11.78 -19.71
CA ASN A 200 -11.56 -11.05 -20.04
C ASN A 200 -10.58 -11.20 -18.88
N ALA A 201 -10.45 -12.42 -18.38
CA ALA A 201 -9.58 -12.73 -17.25
C ALA A 201 -8.15 -12.24 -17.49
N ASP A 202 -7.70 -12.31 -18.74
CA ASP A 202 -6.36 -11.88 -19.10
C ASP A 202 -6.09 -10.45 -18.64
N LEU A 203 -7.05 -9.56 -18.89
CA LEU A 203 -6.93 -8.16 -18.49
C LEU A 203 -7.04 -8.00 -16.99
N PHE A 204 -8.00 -8.72 -16.40
CA PHE A 204 -8.25 -8.69 -14.96
C PHE A 204 -6.97 -8.98 -14.18
N ASP A 205 -6.34 -10.11 -14.49
CA ASP A 205 -5.10 -10.52 -13.81
C ASP A 205 -3.94 -9.56 -14.04
N ALA A 206 -3.79 -9.10 -15.27
CA ALA A 206 -2.71 -8.18 -15.64
C ALA A 206 -2.77 -6.85 -14.89
N VAL A 207 -3.97 -6.27 -14.84
CA VAL A 207 -4.19 -4.98 -14.19
C VAL A 207 -3.98 -4.99 -12.66
N LEU A 208 -4.44 -6.03 -12.00
CA LEU A 208 -4.27 -6.15 -10.56
C LEU A 208 -2.79 -6.32 -10.25
N GLY A 209 -2.19 -5.30 -9.64
CA GLY A 209 -0.77 -5.35 -9.33
C GLY A 209 -0.01 -5.02 -10.60
N GLY A 210 -0.75 -4.52 -11.61
CA GLY A 210 -0.17 -4.18 -12.90
C GLY A 210 0.60 -2.87 -13.02
N LEU A 211 0.67 -2.12 -11.93
CA LEU A 211 1.42 -0.86 -11.92
C LEU A 211 0.98 0.12 -13.02
N GLY A 212 -0.32 0.14 -13.31
CA GLY A 212 -0.87 1.03 -14.31
C GLY A 212 -0.29 0.95 -15.70
N GLN A 213 0.16 -0.24 -16.10
CA GLN A 213 0.77 -0.43 -17.41
C GLN A 213 -0.17 -0.88 -18.54
N PHE A 214 -1.33 -1.40 -18.18
CA PHE A 214 -2.26 -1.94 -19.16
C PHE A 214 -3.52 -1.13 -19.42
N GLY A 215 -3.84 -0.20 -18.52
CA GLY A 215 -5.03 0.59 -18.68
C GLY A 215 -5.42 1.25 -17.38
N VAL A 216 -6.46 2.06 -17.42
CA VAL A 216 -6.92 2.75 -16.22
C VAL A 216 -8.17 2.10 -15.63
N ILE A 217 -8.19 1.95 -14.31
CA ILE A 217 -9.32 1.37 -13.61
C ILE A 217 -10.34 2.46 -13.29
N THR A 218 -11.55 2.34 -13.85
CA THR A 218 -12.59 3.34 -13.61
C THR A 218 -13.60 2.85 -12.58
N ARG A 219 -13.67 1.54 -12.41
CA ARG A 219 -14.58 0.94 -11.44
C ARG A 219 -14.01 -0.39 -10.95
N ALA A 220 -14.10 -0.61 -9.65
CA ALA A 220 -13.64 -1.85 -9.04
C ALA A 220 -14.73 -2.30 -8.10
N ARG A 221 -15.12 -3.57 -8.22
CA ARG A 221 -16.15 -4.15 -7.38
C ARG A 221 -15.42 -4.81 -6.23
N ILE A 222 -15.52 -4.19 -5.06
CA ILE A 222 -14.81 -4.65 -3.87
C ILE A 222 -15.66 -5.46 -2.89
N ALA A 223 -15.11 -6.60 -2.47
CA ALA A 223 -15.78 -7.49 -1.53
C ALA A 223 -15.92 -6.83 -0.16
N VAL A 224 -17.06 -7.04 0.49
CA VAL A 224 -17.27 -6.49 1.81
C VAL A 224 -17.79 -7.55 2.77
N GLU A 225 -17.76 -7.23 4.06
CA GLU A 225 -18.22 -8.11 5.10
C GLU A 225 -19.02 -7.23 6.04
N PRO A 226 -19.84 -7.83 6.93
CA PRO A 226 -20.61 -6.99 7.85
C PRO A 226 -19.63 -6.15 8.66
N ALA A 227 -19.94 -4.86 8.82
CA ALA A 227 -19.07 -3.96 9.55
C ALA A 227 -19.04 -4.14 11.06
N PRO A 228 -17.86 -4.42 11.62
CA PRO A 228 -17.77 -4.58 13.07
C PRO A 228 -17.89 -3.18 13.65
N ALA A 229 -18.35 -3.09 14.90
CA ALA A 229 -18.53 -1.81 15.55
C ALA A 229 -17.25 -1.30 16.21
N ARG A 230 -16.56 -2.19 16.92
CA ARG A 230 -15.34 -1.81 17.63
C ARG A 230 -14.17 -2.75 17.38
N ALA A 231 -13.00 -2.34 17.86
CA ALA A 231 -11.80 -3.13 17.73
C ALA A 231 -11.00 -3.07 19.03
N ARG A 232 -10.71 -4.25 19.59
CA ARG A 232 -9.89 -4.34 20.79
C ARG A 232 -8.51 -4.30 20.16
N TRP A 233 -7.74 -3.29 20.52
CA TRP A 233 -6.43 -3.04 19.94
C TRP A 233 -5.30 -3.29 20.95
N VAL A 234 -4.41 -4.22 20.65
CA VAL A 234 -3.33 -4.50 21.59
C VAL A 234 -1.92 -4.50 21.01
N ARG A 235 -0.95 -4.24 21.89
CA ARG A 235 0.46 -4.27 21.54
C ARG A 235 1.17 -5.13 22.59
N LEU A 236 2.03 -6.03 22.12
CA LEU A 236 2.78 -6.94 22.96
C LEU A 236 4.25 -6.64 22.74
N VAL A 237 5.04 -6.60 23.81
CA VAL A 237 6.46 -6.26 23.70
C VAL A 237 7.44 -7.41 23.90
N TYR A 238 8.48 -7.42 23.07
CA TYR A 238 9.52 -8.46 23.09
C TYR A 238 10.91 -7.84 22.97
N THR A 239 11.92 -8.55 23.47
CA THR A 239 13.31 -8.13 23.31
C THR A 239 14.01 -9.23 22.50
N ASP A 240 13.31 -10.35 22.33
CA ASP A 240 13.81 -11.52 21.59
C ASP A 240 13.13 -11.64 20.23
N PHE A 241 13.88 -11.46 19.15
CA PHE A 241 13.30 -11.54 17.81
C PHE A 241 12.69 -12.92 17.50
N ALA A 242 13.35 -13.98 17.93
CA ALA A 242 12.84 -15.33 17.69
C ALA A 242 11.44 -15.51 18.26
N ALA A 243 11.22 -15.04 19.49
CA ALA A 243 9.90 -15.14 20.11
C ALA A 243 8.91 -14.23 19.38
N PHE A 244 9.37 -13.03 19.02
CA PHE A 244 8.53 -12.07 18.31
C PHE A 244 8.00 -12.64 16.98
N SER A 245 8.89 -13.12 16.13
CA SER A 245 8.47 -13.66 14.84
C SER A 245 7.68 -14.96 14.98
N ALA A 246 8.08 -15.80 15.93
CA ALA A 246 7.36 -17.06 16.15
C ALA A 246 5.91 -16.76 16.54
N ASP A 247 5.71 -15.75 17.39
CA ASP A 247 4.35 -15.40 17.80
C ASP A 247 3.53 -14.79 16.67
N GLN A 248 4.15 -13.98 15.82
CA GLN A 248 3.41 -13.39 14.70
C GLN A 248 2.95 -14.50 13.76
N GLU A 249 3.82 -15.48 13.56
CA GLU A 249 3.50 -16.60 12.68
C GLU A 249 2.38 -17.45 13.27
N ARG A 250 2.40 -17.64 14.59
CA ARG A 250 1.36 -18.41 15.29
C ARG A 250 0.00 -17.73 15.17
N LEU A 251 -0.01 -16.41 15.35
CA LEU A 251 -1.25 -15.64 15.26
C LEU A 251 -1.82 -15.60 13.84
N THR A 252 -0.96 -15.72 12.83
CA THR A 252 -1.43 -15.66 11.44
C THR A 252 -1.44 -16.99 10.69
N ALA A 253 -1.16 -18.08 11.40
CA ALA A 253 -1.12 -19.39 10.77
C ALA A 253 -2.50 -19.96 10.47
N PRO A 254 -2.62 -20.68 9.34
CA PRO A 254 -3.90 -21.29 8.96
C PRO A 254 -4.23 -22.37 9.98
N ARG A 255 -5.50 -22.54 10.31
CA ARG A 255 -5.91 -23.57 11.26
C ARG A 255 -6.37 -24.84 10.54
N SER A 262 -9.23 -21.47 7.42
CA SER A 262 -9.44 -21.23 8.84
C SER A 262 -8.27 -20.47 9.46
N PHE A 263 -8.57 -19.45 10.24
CA PHE A 263 -7.54 -18.65 10.89
C PHE A 263 -7.86 -18.34 12.33
N GLY A 264 -6.85 -17.92 13.08
CA GLY A 264 -7.04 -17.58 14.48
C GLY A 264 -8.10 -16.52 14.61
N PRO A 265 -8.33 -15.98 15.82
CA PRO A 265 -9.35 -14.95 15.97
C PRO A 265 -8.93 -13.51 15.65
N MET A 266 -7.62 -13.23 15.67
CA MET A 266 -7.15 -11.87 15.39
C MET A 266 -7.60 -11.37 14.01
N SER A 267 -8.09 -10.13 13.98
CA SER A 267 -8.55 -9.51 12.73
C SER A 267 -7.42 -8.78 11.99
N TYR A 268 -6.38 -8.44 12.73
CA TYR A 268 -5.25 -7.68 12.18
C TYR A 268 -3.99 -8.04 12.96
N VAL A 269 -2.89 -8.21 12.24
CA VAL A 269 -1.61 -8.50 12.87
C VAL A 269 -0.46 -7.84 12.12
N GLU A 270 0.24 -6.92 12.79
CA GLU A 270 1.41 -6.26 12.23
C GLU A 270 2.47 -6.29 13.34
N GLY A 271 3.61 -5.68 13.08
CA GLY A 271 4.68 -5.66 14.06
C GLY A 271 5.53 -4.43 13.85
N SER A 272 6.35 -4.08 14.84
CA SER A 272 7.20 -2.90 14.76
C SER A 272 8.56 -3.17 15.38
N VAL A 273 9.58 -2.50 14.85
CA VAL A 273 10.93 -2.62 15.38
C VAL A 273 11.37 -1.26 15.90
N PHE A 274 11.92 -1.26 17.11
CA PHE A 274 12.40 -0.02 17.74
C PHE A 274 13.88 -0.19 18.06
N VAL A 275 14.74 0.56 17.38
CA VAL A 275 16.17 0.47 17.64
C VAL A 275 16.47 1.18 18.95
N ASN A 276 17.42 0.64 19.70
CA ASN A 276 17.75 1.20 21.00
C ASN A 276 18.10 2.69 21.05
N GLN A 277 18.93 3.15 20.11
CA GLN A 277 19.33 4.56 20.09
C GLN A 277 18.19 5.57 20.12
N SER A 278 17.04 5.21 19.57
CA SER A 278 15.91 6.13 19.58
C SER A 278 14.66 5.49 20.16
N LEU A 279 14.87 4.53 21.07
CA LEU A 279 13.77 3.80 21.69
C LEU A 279 12.66 4.65 22.35
N ALA A 280 13.01 5.43 23.36
CA ALA A 280 12.01 6.23 24.05
C ALA A 280 11.22 7.12 23.08
N THR A 281 11.93 7.79 22.19
CA THR A 281 11.27 8.68 21.23
C THR A 281 10.33 7.95 20.30
N ASP A 282 10.79 6.83 19.73
CA ASP A 282 9.93 6.09 18.80
C ASP A 282 8.72 5.45 19.50
N LEU A 283 8.90 4.99 20.73
CA LEU A 283 7.78 4.41 21.46
C LEU A 283 6.73 5.47 21.72
N ALA A 284 7.18 6.66 22.10
CA ALA A 284 6.25 7.76 22.36
C ALA A 284 5.54 8.19 21.08
N ASN A 285 6.26 8.20 19.98
CA ASN A 285 5.66 8.62 18.71
C ASN A 285 4.68 7.60 18.09
N THR A 286 4.46 6.48 18.76
CA THR A 286 3.53 5.48 18.22
C THR A 286 2.12 5.99 18.39
N GLY A 287 1.92 6.83 19.40
CA GLY A 287 0.60 7.36 19.68
C GLY A 287 -0.23 6.31 20.39
N PHE A 288 0.41 5.20 20.74
CA PHE A 288 -0.27 4.10 21.42
C PHE A 288 0.09 4.02 22.90
N PHE A 289 1.39 4.07 23.19
CA PHE A 289 1.91 3.97 24.55
C PHE A 289 1.88 5.28 25.33
N THR A 290 1.58 5.17 26.63
CA THR A 290 1.58 6.34 27.53
C THR A 290 3.03 6.49 28.00
N ASP A 291 3.35 7.63 28.60
CA ASP A 291 4.71 7.84 29.08
C ASP A 291 5.09 6.81 30.15
N ALA A 292 4.10 6.32 30.88
CA ALA A 292 4.36 5.31 31.90
C ALA A 292 4.75 4.00 31.20
N ASP A 293 4.05 3.68 30.11
CA ASP A 293 4.33 2.46 29.35
C ASP A 293 5.76 2.55 28.79
N VAL A 294 6.10 3.73 28.25
CA VAL A 294 7.40 3.97 27.66
C VAL A 294 8.52 3.73 28.65
N ALA A 295 8.37 4.28 29.86
CA ALA A 295 9.38 4.12 30.89
C ALA A 295 9.62 2.64 31.21
N ARG A 296 8.54 1.88 31.31
CA ARG A 296 8.67 0.44 31.61
C ARG A 296 9.40 -0.30 30.49
N ILE A 297 9.11 0.06 29.24
CA ILE A 297 9.75 -0.61 28.10
C ILE A 297 11.22 -0.23 27.98
N VAL A 298 11.54 1.03 28.23
CA VAL A 298 12.93 1.46 28.18
C VAL A 298 13.73 0.73 29.27
N ALA A 299 13.13 0.55 30.44
CA ALA A 299 13.80 -0.13 31.53
C ALA A 299 14.01 -1.61 31.18
N LEU A 300 13.00 -2.22 30.56
CA LEU A 300 13.08 -3.62 30.15
C LEU A 300 14.27 -3.83 29.21
N ALA A 301 14.40 -2.94 28.22
CA ALA A 301 15.50 -3.02 27.25
C ALA A 301 16.86 -2.95 27.93
N GLY A 302 16.98 -2.04 28.88
CA GLY A 302 18.23 -1.89 29.61
C GLY A 302 18.55 -3.15 30.42
N GLU A 303 17.51 -3.74 31.02
CA GLU A 303 17.68 -4.95 31.82
C GLU A 303 18.17 -6.12 30.96
N ARG A 304 17.61 -6.23 29.76
CA ARG A 304 17.98 -7.31 28.85
C ARG A 304 19.19 -6.94 28.00
N ASN A 305 19.63 -5.69 28.08
CA ASN A 305 20.76 -5.17 27.31
C ASN A 305 20.46 -5.34 25.82
N ALA A 306 19.23 -5.03 25.44
CA ALA A 306 18.77 -5.16 24.07
C ALA A 306 19.09 -3.97 23.17
N THR A 307 19.59 -4.24 21.97
CA THR A 307 19.89 -3.18 21.02
C THR A 307 18.64 -2.92 20.19
N THR A 308 17.65 -3.79 20.32
CA THR A 308 16.38 -3.63 19.60
C THR A 308 15.20 -4.18 20.40
N VAL A 309 14.05 -3.54 20.24
CA VAL A 309 12.82 -3.97 20.92
C VAL A 309 11.78 -4.21 19.82
N TYR A 310 10.94 -5.22 20.01
CA TYR A 310 9.93 -5.54 19.00
C TYR A 310 8.55 -5.51 19.62
N SER A 311 7.56 -5.12 18.83
CA SER A 311 6.19 -5.09 19.32
C SER A 311 5.19 -5.61 18.31
N ILE A 312 4.35 -6.54 18.75
CA ILE A 312 3.31 -7.06 17.87
C ILE A 312 2.11 -6.15 18.08
N GLU A 313 1.43 -5.80 16.99
CA GLU A 313 0.24 -4.96 17.08
C GLU A 313 -0.88 -5.80 16.49
N ALA A 314 -1.95 -6.00 17.25
CA ALA A 314 -3.05 -6.83 16.76
C ALA A 314 -4.40 -6.32 17.24
N THR A 315 -5.46 -6.70 16.53
CA THR A 315 -6.82 -6.29 16.92
C THR A 315 -7.79 -7.47 16.83
N LEU A 316 -8.93 -7.29 17.50
CA LEU A 316 -10.02 -8.26 17.49
C LEU A 316 -11.26 -7.42 17.24
N ASN A 317 -11.86 -7.56 16.07
CA ASN A 317 -13.06 -6.80 15.75
C ASN A 317 -14.28 -7.47 16.37
N TYR A 318 -15.21 -6.66 16.87
CA TYR A 318 -16.43 -7.19 17.49
C TYR A 318 -17.56 -6.16 17.43
N ASP A 319 -18.80 -6.61 17.61
CA ASP A 319 -19.96 -5.72 17.56
C ASP A 319 -20.43 -5.23 18.93
N ASN A 320 -21.48 -4.41 18.92
CA ASN A 320 -22.04 -3.83 20.15
C ASN A 320 -23.02 -4.72 20.93
N ALA A 321 -22.86 -6.03 20.86
CA ALA A 321 -23.76 -6.93 21.60
C ALA A 321 -23.58 -6.69 23.10
N THR A 322 -24.55 -7.10 23.89
CA THR A 322 -24.49 -6.90 25.34
C THR A 322 -23.40 -7.73 26.01
N ALA A 323 -23.10 -8.90 25.45
CA ALA A 323 -22.08 -9.77 26.02
C ALA A 323 -20.71 -9.60 25.36
N ALA A 324 -20.69 -8.88 24.25
CA ALA A 324 -19.46 -8.64 23.48
C ALA A 324 -18.23 -8.33 24.32
N ALA A 325 -18.31 -7.28 25.12
CA ALA A 325 -17.18 -6.86 25.95
C ALA A 325 -16.55 -8.00 26.72
N ALA A 326 -17.35 -8.70 27.52
CA ALA A 326 -16.86 -9.81 28.32
C ALA A 326 -16.32 -10.94 27.45
N ALA A 327 -16.96 -11.13 26.29
CA ALA A 327 -16.55 -12.18 25.36
C ALA A 327 -15.18 -11.85 24.76
N VAL A 328 -14.98 -10.59 24.41
CA VAL A 328 -13.70 -10.15 23.83
C VAL A 328 -12.58 -10.35 24.86
N ASP A 329 -12.84 -10.00 26.11
CA ASP A 329 -11.84 -10.17 27.16
C ASP A 329 -11.41 -11.62 27.24
N GLN A 330 -12.41 -12.52 27.26
CA GLN A 330 -12.15 -13.95 27.34
C GLN A 330 -11.36 -14.43 26.13
N GLU A 331 -11.81 -14.02 24.95
CA GLU A 331 -11.14 -14.41 23.72
C GLU A 331 -9.68 -13.96 23.73
N LEU A 332 -9.46 -12.70 24.07
CA LEU A 332 -8.12 -12.14 24.11
C LEU A 332 -7.23 -12.86 25.13
N ALA A 333 -7.73 -13.00 26.36
CA ALA A 333 -6.98 -13.67 27.42
C ALA A 333 -6.52 -15.06 26.94
N SER A 334 -7.40 -15.74 26.21
CA SER A 334 -7.11 -17.06 25.70
C SER A 334 -5.97 -17.01 24.68
N VAL A 335 -6.11 -16.13 23.69
CA VAL A 335 -5.09 -15.96 22.67
C VAL A 335 -3.73 -15.59 23.27
N LEU A 336 -3.74 -14.57 24.11
CA LEU A 336 -2.51 -14.11 24.75
C LEU A 336 -1.82 -15.21 25.54
N GLY A 337 -2.61 -16.17 26.02
CA GLY A 337 -2.05 -17.27 26.79
C GLY A 337 -1.17 -18.19 25.98
N THR A 338 -1.30 -18.12 24.65
CA THR A 338 -0.51 -18.97 23.77
C THR A 338 0.77 -18.27 23.31
N LEU A 339 0.93 -17.01 23.71
CA LEU A 339 2.09 -16.23 23.29
C LEU A 339 3.24 -16.18 24.29
N SER A 340 4.37 -15.60 23.86
CA SER A 340 5.56 -15.52 24.68
C SER A 340 6.14 -14.11 24.86
N TYR A 341 5.30 -13.08 24.81
CA TYR A 341 5.78 -11.72 25.00
C TYR A 341 6.28 -11.60 26.43
N VAL A 342 7.05 -10.56 26.74
CA VAL A 342 7.56 -10.41 28.09
C VAL A 342 6.42 -10.27 29.09
N GLU A 343 6.47 -11.09 30.14
CA GLU A 343 5.45 -11.09 31.18
C GLU A 343 5.03 -9.69 31.60
N GLY A 344 3.73 -9.42 31.51
CA GLY A 344 3.21 -8.12 31.90
C GLY A 344 3.32 -7.02 30.87
N PHE A 345 3.81 -7.35 29.68
CA PHE A 345 3.96 -6.34 28.64
C PHE A 345 2.94 -6.46 27.52
N ALA A 346 1.68 -6.45 27.90
CA ALA A 346 0.56 -6.50 26.96
C ALA A 346 -0.16 -5.20 27.24
N PHE A 347 -0.41 -4.40 26.21
CA PHE A 347 -1.08 -3.11 26.35
C PHE A 347 -2.32 -3.05 25.46
N GLN A 348 -3.47 -2.72 26.07
CA GLN A 348 -4.73 -2.67 25.33
C GLN A 348 -5.38 -1.30 25.23
N ARG A 349 -6.13 -1.14 24.15
CA ARG A 349 -6.91 0.06 23.87
C ARG A 349 -8.17 -0.49 23.22
N ASP A 350 -9.28 0.22 23.35
CA ASP A 350 -10.52 -0.24 22.73
C ASP A 350 -11.09 0.98 22.02
N VAL A 351 -11.31 0.84 20.72
CA VAL A 351 -11.81 1.96 19.93
C VAL A 351 -12.86 1.54 18.90
N ALA A 352 -13.48 2.53 18.28
CA ALA A 352 -14.48 2.28 17.25
C ALA A 352 -13.69 1.78 16.03
N TYR A 353 -14.28 0.88 15.27
CA TYR A 353 -13.61 0.30 14.09
C TYR A 353 -13.05 1.35 13.12
N ALA A 354 -13.86 2.34 12.77
CA ALA A 354 -13.41 3.38 11.85
C ALA A 354 -12.23 4.16 12.42
N ALA A 355 -12.22 4.35 13.73
CA ALA A 355 -11.16 5.09 14.38
C ALA A 355 -9.83 4.33 14.23
N PHE A 356 -9.90 3.01 14.37
CA PHE A 356 -8.71 2.21 14.21
C PHE A 356 -8.21 2.26 12.77
N LEU A 357 -9.12 2.05 11.82
CA LEU A 357 -8.75 2.05 10.42
C LEU A 357 -8.11 3.34 9.92
N ASP A 358 -8.54 4.47 10.47
CA ASP A 358 -8.03 5.79 10.06
C ASP A 358 -6.98 6.34 11.04
N ARG A 359 -6.38 5.45 11.83
CA ARG A 359 -5.37 5.82 12.81
C ARG A 359 -4.19 6.64 12.28
N VAL A 360 -3.76 6.38 11.05
CA VAL A 360 -2.62 7.10 10.50
C VAL A 360 -2.93 8.55 10.10
N HIS A 361 -4.20 8.82 9.82
CA HIS A 361 -4.61 10.18 9.44
C HIS A 361 -4.17 11.14 10.53
N GLY A 362 -4.35 10.73 11.78
CA GLY A 362 -3.96 11.55 12.91
C GLY A 362 -2.48 11.89 12.87
N GLU A 363 -1.66 10.94 12.45
CA GLU A 363 -0.22 11.14 12.36
C GLU A 363 0.10 12.20 11.30
N GLU A 364 -0.60 12.13 10.16
CA GLU A 364 -0.38 13.06 9.07
C GLU A 364 -0.67 14.50 9.48
N VAL A 365 -1.90 14.74 9.95
CA VAL A 365 -2.29 16.07 10.37
C VAL A 365 -1.25 16.65 11.31
N ALA A 366 -0.93 15.89 12.36
CA ALA A 366 0.07 16.33 13.35
C ALA A 366 1.36 16.75 12.65
N LEU A 367 2.09 15.75 12.14
CA LEU A 367 3.36 15.98 11.46
C LEU A 367 3.34 17.05 10.37
N ASN A 368 2.23 17.18 9.65
CA ASN A 368 2.16 18.16 8.58
C ASN A 368 2.21 19.61 9.07
N LYS A 369 1.63 19.86 10.23
CA LYS A 369 1.63 21.20 10.79
C LYS A 369 3.04 21.59 11.21
N LEU A 370 3.80 20.61 11.68
CA LEU A 370 5.18 20.82 12.10
C LEU A 370 6.10 20.81 10.88
N GLY A 371 5.51 20.66 9.71
CA GLY A 371 6.29 20.63 8.49
C GLY A 371 7.13 19.36 8.42
N LEU A 372 6.64 18.29 9.04
CA LEU A 372 7.36 17.03 9.04
C LEU A 372 6.66 15.92 8.25
N TRP A 373 5.65 16.30 7.48
CA TRP A 373 4.93 15.31 6.67
C TRP A 373 5.37 15.41 5.21
N ARG A 374 5.44 16.64 4.70
CA ARG A 374 5.86 16.86 3.33
C ARG A 374 7.38 17.02 3.27
N VAL A 375 8.08 15.92 3.52
CA VAL A 375 9.54 15.88 3.51
C VAL A 375 9.94 14.65 2.71
N PRO A 376 11.23 14.53 2.37
CA PRO A 376 11.65 13.35 1.58
C PRO A 376 11.34 12.03 2.29
N HIS A 377 10.81 11.07 1.54
CA HIS A 377 10.50 9.77 2.12
C HIS A 377 11.23 8.64 1.40
N PRO A 378 12.50 8.40 1.77
CA PRO A 378 13.28 7.32 1.13
C PRO A 378 12.85 6.01 1.78
N TRP A 379 11.59 5.64 1.58
CA TRP A 379 11.05 4.42 2.16
C TRP A 379 11.58 3.15 1.50
N LEU A 380 11.74 2.10 2.31
CA LEU A 380 12.20 0.82 1.77
C LEU A 380 11.13 -0.21 2.09
N ASN A 381 10.48 -0.72 1.05
CA ASN A 381 9.43 -1.71 1.21
C ASN A 381 9.79 -2.99 0.47
N MET A 382 9.74 -4.11 1.17
CA MET A 382 10.11 -5.38 0.54
C MET A 382 9.47 -6.60 1.20
N PHE A 383 9.46 -7.71 0.46
CA PHE A 383 8.94 -8.96 0.97
C PHE A 383 10.17 -9.84 1.19
N VAL A 384 10.28 -10.40 2.39
CA VAL A 384 11.41 -11.23 2.76
C VAL A 384 10.90 -12.62 3.13
N PRO A 385 11.44 -13.68 2.49
CA PRO A 385 10.98 -15.02 2.83
C PRO A 385 11.19 -15.33 4.31
N ARG A 386 10.23 -16.04 4.89
CA ARG A 386 10.28 -16.40 6.30
C ARG A 386 11.60 -17.05 6.73
N SER A 387 12.13 -17.94 5.89
CA SER A 387 13.36 -18.64 6.21
C SER A 387 14.58 -17.75 6.40
N ARG A 388 14.50 -16.50 5.94
CA ARG A 388 15.63 -15.58 6.08
C ARG A 388 15.29 -14.32 6.89
N ILE A 389 14.13 -14.29 7.55
CA ILE A 389 13.77 -13.10 8.32
C ILE A 389 14.72 -12.90 9.51
N ALA A 390 15.14 -13.99 10.14
CA ALA A 390 16.06 -13.90 11.27
C ALA A 390 17.40 -13.34 10.81
N ASP A 391 17.84 -13.72 9.60
CA ASP A 391 19.09 -13.20 9.06
C ASP A 391 18.92 -11.71 8.74
N PHE A 392 17.75 -11.35 8.22
CA PHE A 392 17.47 -9.96 7.88
C PHE A 392 17.53 -9.12 9.18
N ASP A 393 16.93 -9.65 10.24
CA ASP A 393 16.91 -8.97 11.55
C ASP A 393 18.34 -8.72 12.05
N ARG A 394 19.19 -9.74 11.96
CA ARG A 394 20.57 -9.60 12.40
C ARG A 394 21.37 -8.61 11.58
N GLY A 395 21.20 -8.68 10.26
CA GLY A 395 21.95 -7.78 9.41
C GLY A 395 21.45 -6.37 9.30
N VAL A 396 20.15 -6.18 9.46
CA VAL A 396 19.56 -4.85 9.32
C VAL A 396 19.16 -4.19 10.64
N PHE A 397 18.22 -4.77 11.36
CA PHE A 397 17.77 -4.19 12.62
C PHE A 397 18.86 -4.15 13.69
N LYS A 398 19.63 -5.22 13.78
CA LYS A 398 20.71 -5.30 14.76
C LYS A 398 22.06 -4.93 14.15
N GLY A 399 22.07 -4.62 12.86
CA GLY A 399 23.33 -4.28 12.21
C GLY A 399 23.35 -2.90 11.58
N ILE A 400 23.06 -2.85 10.28
CA ILE A 400 23.07 -1.60 9.51
C ILE A 400 22.36 -0.42 10.18
N LEU A 401 21.19 -0.66 10.76
CA LEU A 401 20.42 0.42 11.39
C LEU A 401 20.91 0.86 12.77
N GLN A 402 21.82 0.10 13.36
CA GLN A 402 22.34 0.48 14.68
C GLN A 402 23.21 1.73 14.58
N GLY A 403 23.13 2.59 15.59
CA GLY A 403 23.96 3.79 15.58
C GLY A 403 23.35 4.99 14.86
N THR A 404 22.09 4.86 14.47
CA THR A 404 21.41 5.95 13.78
C THR A 404 20.16 6.35 14.55
N ASP A 405 19.69 7.58 14.30
CA ASP A 405 18.47 8.06 14.95
C ASP A 405 17.36 7.82 13.94
N ILE A 406 16.39 7.00 14.33
CA ILE A 406 15.32 6.68 13.43
C ILE A 406 14.00 7.37 13.76
N VAL A 407 13.48 8.08 12.78
CA VAL A 407 12.22 8.77 12.89
C VAL A 407 11.37 8.13 11.81
N GLY A 408 10.30 7.46 12.21
CA GLY A 408 9.47 6.80 11.24
C GLY A 408 9.33 5.36 11.66
N PRO A 409 8.18 4.76 11.39
CA PRO A 409 8.03 3.36 11.79
C PRO A 409 8.81 2.36 10.94
N LEU A 410 9.21 1.27 11.58
CA LEU A 410 9.91 0.15 10.95
C LEU A 410 8.90 -0.96 11.20
N ILE A 411 8.13 -1.29 10.16
CA ILE A 411 7.06 -2.27 10.23
C ILE A 411 7.47 -3.61 9.63
N VAL A 412 7.12 -4.70 10.33
CA VAL A 412 7.46 -6.05 9.91
C VAL A 412 6.35 -7.01 10.35
N TYR A 413 5.83 -7.79 9.42
CA TYR A 413 4.78 -8.77 9.76
C TYR A 413 4.65 -9.83 8.69
N PRO A 414 4.26 -11.05 9.08
CA PRO A 414 4.12 -12.14 8.11
C PRO A 414 2.85 -12.15 7.28
N LEU A 415 2.97 -12.72 6.08
CA LEU A 415 1.87 -12.87 5.13
C LEU A 415 1.83 -14.32 4.66
N ASN A 416 0.63 -14.79 4.27
CA ASN A 416 0.47 -16.16 3.76
C ASN A 416 0.33 -16.14 2.24
N LYS A 417 1.26 -16.80 1.55
CA LYS A 417 1.25 -16.84 0.09
C LYS A 417 -0.05 -17.41 -0.48
N SER A 418 -0.70 -18.29 0.28
CA SER A 418 -1.94 -18.91 -0.16
C SER A 418 -3.03 -17.90 -0.49
N MET A 419 -2.93 -16.70 0.08
CA MET A 419 -3.92 -15.65 -0.18
C MET A 419 -3.55 -14.76 -1.37
N TRP A 420 -2.43 -15.05 -2.01
CA TRP A 420 -1.97 -14.29 -3.17
C TRP A 420 -2.13 -15.11 -4.45
N ASP A 421 -2.68 -14.50 -5.50
CA ASP A 421 -2.87 -15.17 -6.79
C ASP A 421 -1.67 -14.84 -7.68
N ASP A 422 -0.79 -15.82 -7.89
CA ASP A 422 0.39 -15.56 -8.70
C ASP A 422 0.09 -15.34 -10.17
N GLY A 423 -1.17 -15.50 -10.56
CA GLY A 423 -1.56 -15.29 -11.94
C GLY A 423 -1.64 -13.80 -12.19
N MET A 424 -1.84 -13.03 -11.12
CA MET A 424 -1.92 -11.58 -11.21
C MET A 424 -0.51 -11.01 -11.38
N SER A 425 -0.41 -9.72 -11.63
CA SER A 425 0.88 -9.08 -11.85
C SER A 425 1.78 -8.90 -10.63
N ALA A 426 1.19 -8.86 -9.44
CA ALA A 426 1.97 -8.69 -8.22
C ALA A 426 2.97 -9.83 -8.08
N ALA A 427 4.20 -9.49 -7.69
CA ALA A 427 5.25 -10.49 -7.52
C ALA A 427 5.52 -10.69 -6.03
N THR A 428 5.71 -11.95 -5.63
CA THR A 428 5.99 -12.27 -4.23
C THR A 428 7.00 -13.42 -4.15
N PRO A 429 7.62 -13.59 -2.98
CA PRO A 429 8.60 -14.67 -2.79
C PRO A 429 7.91 -16.03 -3.02
N SER A 430 8.69 -17.08 -3.19
CA SER A 430 8.11 -18.40 -3.43
C SER A 430 7.68 -19.14 -2.18
N GLU A 431 8.23 -18.78 -1.02
CA GLU A 431 7.87 -19.46 0.23
C GLU A 431 6.42 -19.24 0.65
N ASP A 432 5.88 -20.21 1.39
CA ASP A 432 4.49 -20.15 1.86
C ASP A 432 4.24 -18.97 2.79
N VAL A 433 5.27 -18.58 3.51
CA VAL A 433 5.18 -17.45 4.41
C VAL A 433 6.33 -16.50 4.12
N PHE A 434 6.00 -15.21 3.97
CA PHE A 434 7.02 -14.20 3.74
C PHE A 434 6.57 -12.94 4.47
N TYR A 435 7.54 -12.12 4.85
CA TYR A 435 7.25 -10.90 5.60
C TYR A 435 7.21 -9.62 4.80
N ALA A 436 6.24 -8.79 5.14
CA ALA A 436 6.17 -7.47 4.54
C ALA A 436 7.12 -6.70 5.46
N VAL A 437 8.07 -5.98 4.88
CA VAL A 437 9.01 -5.19 5.67
C VAL A 437 8.92 -3.78 5.11
N SER A 438 8.46 -2.83 5.92
CA SER A 438 8.33 -1.45 5.49
C SER A 438 9.11 -0.53 6.42
N LEU A 439 10.23 -0.02 5.94
CA LEU A 439 11.08 0.87 6.72
C LEU A 439 10.74 2.27 6.20
N LEU A 440 9.90 2.96 6.95
CA LEU A 440 9.40 4.26 6.54
C LEU A 440 10.23 5.45 7.04
N PHE A 441 11.46 5.53 6.54
CA PHE A 441 12.39 6.59 6.92
C PHE A 441 11.93 7.96 6.44
N SER A 442 12.08 8.95 7.30
CA SER A 442 11.75 10.33 6.95
C SER A 442 13.04 11.15 7.02
N SER A 443 13.30 11.93 5.97
CA SER A 443 14.48 12.78 5.96
C SER A 443 14.01 14.06 6.64
N VAL A 444 13.71 13.96 7.93
CA VAL A 444 13.23 15.11 8.71
C VAL A 444 14.35 16.12 8.93
N ALA A 445 15.54 15.61 9.27
CA ALA A 445 16.70 16.46 9.48
C ALA A 445 17.03 17.09 8.13
N PRO A 446 18.01 18.01 8.09
CA PRO A 446 18.37 18.65 6.81
C PRO A 446 18.68 17.64 5.71
N ASN A 447 19.63 17.96 4.84
CA ASN A 447 19.99 17.05 3.75
C ASN A 447 20.58 15.76 4.31
N ASP A 448 19.72 14.98 4.96
CA ASP A 448 20.06 13.70 5.58
C ASP A 448 19.56 12.58 4.64
N LEU A 449 18.99 13.02 3.53
CA LEU A 449 18.46 12.16 2.49
C LEU A 449 19.52 11.30 1.80
N ALA A 450 20.68 11.90 1.51
CA ALA A 450 21.74 11.14 0.86
C ALA A 450 22.16 9.97 1.72
N ARG A 451 22.27 10.18 3.04
CA ARG A 451 22.64 9.12 3.97
C ARG A 451 21.64 7.96 3.89
N LEU A 452 20.36 8.33 3.97
CA LEU A 452 19.28 7.35 3.93
C LEU A 452 19.23 6.57 2.62
N GLN A 453 19.43 7.26 1.51
CA GLN A 453 19.42 6.59 0.22
C GLN A 453 20.56 5.59 0.13
N GLU A 454 21.75 5.97 0.62
CA GLU A 454 22.89 5.07 0.59
C GLU A 454 22.62 3.89 1.51
N GLN A 455 21.99 4.17 2.65
CA GLN A 455 21.67 3.10 3.60
C GLN A 455 20.76 2.04 2.99
N ASN A 456 19.77 2.46 2.21
CA ASN A 456 18.87 1.49 1.58
C ASN A 456 19.62 0.63 0.57
N ARG A 457 20.56 1.23 -0.17
CA ARG A 457 21.33 0.44 -1.12
C ARG A 457 22.16 -0.59 -0.36
N ARG A 458 22.66 -0.17 0.80
CA ARG A 458 23.47 -1.05 1.63
C ARG A 458 22.63 -2.23 2.14
N ILE A 459 21.38 -1.96 2.50
CA ILE A 459 20.48 -2.99 2.97
C ILE A 459 20.21 -3.97 1.82
N LEU A 460 19.92 -3.44 0.64
CA LEU A 460 19.66 -4.29 -0.52
C LEU A 460 20.91 -5.09 -0.87
N ARG A 461 22.07 -4.46 -0.77
CA ARG A 461 23.33 -5.13 -1.08
C ARG A 461 23.57 -6.24 -0.07
N PHE A 462 23.29 -5.98 1.20
CA PHE A 462 23.46 -6.99 2.25
C PHE A 462 22.62 -8.22 1.92
N CYS A 463 21.39 -7.99 1.47
CA CYS A 463 20.49 -9.09 1.15
C CYS A 463 20.99 -9.88 -0.06
N ASP A 464 21.50 -9.18 -1.07
CA ASP A 464 22.01 -9.85 -2.26
C ASP A 464 23.16 -10.76 -1.89
N LEU A 465 24.12 -10.23 -1.13
CA LEU A 465 25.27 -11.02 -0.71
C LEU A 465 24.93 -12.20 0.19
N ALA A 466 23.86 -12.09 0.97
CA ALA A 466 23.45 -13.15 1.88
C ALA A 466 22.56 -14.16 1.18
N GLY A 467 22.27 -13.91 -0.09
CA GLY A 467 21.43 -14.81 -0.86
C GLY A 467 19.96 -14.76 -0.49
N ILE A 468 19.50 -13.64 0.06
CA ILE A 468 18.09 -13.52 0.41
C ILE A 468 17.25 -13.19 -0.81
N GLN A 469 16.34 -14.09 -1.17
CA GLN A 469 15.46 -13.89 -2.33
C GLN A 469 14.24 -13.01 -2.02
N TYR A 470 14.49 -11.72 -1.79
CA TYR A 470 13.43 -10.76 -1.50
C TYR A 470 12.77 -10.24 -2.77
N LYS A 471 11.66 -9.52 -2.60
CA LYS A 471 10.94 -8.87 -3.69
C LYS A 471 10.69 -7.45 -3.21
N THR A 472 11.05 -6.46 -4.01
CA THR A 472 10.78 -5.08 -3.62
C THR A 472 9.32 -4.79 -3.93
N TYR A 473 8.75 -3.84 -3.20
CA TYR A 473 7.36 -3.44 -3.37
C TYR A 473 7.34 -1.90 -3.36
N LEU A 474 6.44 -1.31 -4.14
CA LEU A 474 6.32 0.16 -4.21
C LEU A 474 7.56 0.85 -4.77
N ALA A 475 8.47 0.07 -5.35
CA ALA A 475 9.69 0.61 -5.89
C ALA A 475 9.74 0.43 -7.41
N ARG A 476 10.43 1.35 -8.08
CA ARG A 476 10.57 1.28 -9.53
C ARG A 476 12.05 1.11 -9.83
N HIS A 477 12.37 0.29 -10.83
CA HIS A 477 13.77 0.05 -11.18
C HIS A 477 14.13 0.73 -12.50
N THR A 478 15.32 1.31 -12.55
CA THR A 478 15.78 2.01 -13.74
C THR A 478 16.58 1.12 -14.67
N ASP A 479 16.62 -0.17 -14.37
CA ASP A 479 17.35 -1.13 -15.19
C ASP A 479 16.50 -2.35 -15.53
N ARG A 480 16.41 -2.66 -16.82
CA ARG A 480 15.62 -3.78 -17.31
C ARG A 480 15.88 -5.10 -16.59
N SER A 481 17.14 -5.47 -16.42
CA SER A 481 17.48 -6.73 -15.76
C SER A 481 16.89 -6.81 -14.35
N ASP A 482 16.72 -5.66 -13.70
CA ASP A 482 16.15 -5.64 -12.36
C ASP A 482 14.66 -5.96 -12.37
N TRP A 483 13.94 -5.42 -13.35
CA TRP A 483 12.50 -5.70 -13.46
C TRP A 483 12.28 -7.18 -13.80
N VAL A 484 13.17 -7.74 -14.61
CA VAL A 484 13.05 -9.15 -14.98
C VAL A 484 13.23 -10.04 -13.75
N ARG A 485 14.21 -9.69 -12.92
CA ARG A 485 14.46 -10.47 -11.70
C ARG A 485 13.32 -10.26 -10.70
N HIS A 486 12.72 -9.07 -10.74
CA HIS A 486 11.60 -8.76 -9.85
C HIS A 486 10.42 -9.69 -10.13
N PHE A 487 9.97 -9.71 -11.38
CA PHE A 487 8.85 -10.57 -11.78
C PHE A 487 9.22 -12.04 -11.87
N GLY A 488 10.42 -12.31 -12.38
CA GLY A 488 10.85 -13.67 -12.60
C GLY A 488 10.78 -13.77 -14.12
N ALA A 489 11.75 -14.44 -14.75
CA ALA A 489 11.78 -14.55 -16.22
C ALA A 489 10.49 -15.00 -16.90
N ALA A 490 9.90 -16.08 -16.42
CA ALA A 490 8.67 -16.59 -17.01
C ALA A 490 7.51 -15.63 -16.81
N LYS A 491 7.39 -15.10 -15.60
CA LYS A 491 6.31 -14.17 -15.31
C LYS A 491 6.53 -12.87 -16.09
N TRP A 492 7.79 -12.53 -16.33
CA TRP A 492 8.14 -11.32 -17.08
C TRP A 492 7.66 -11.46 -18.53
N ASN A 493 7.91 -12.62 -19.15
CA ASN A 493 7.48 -12.86 -20.53
C ASN A 493 5.99 -12.68 -20.64
N ARG A 494 5.28 -13.08 -19.58
CA ARG A 494 3.84 -12.97 -19.54
C ARG A 494 3.45 -11.49 -19.46
N PHE A 495 4.18 -10.75 -18.64
CA PHE A 495 3.93 -9.32 -18.44
C PHE A 495 4.08 -8.59 -19.78
N VAL A 496 5.12 -8.95 -20.53
CA VAL A 496 5.40 -8.34 -21.84
C VAL A 496 4.29 -8.68 -22.82
N GLU A 497 3.86 -9.94 -22.81
CA GLU A 497 2.78 -10.37 -23.69
C GLU A 497 1.56 -9.51 -23.44
N MET A 498 1.19 -9.34 -22.17
CA MET A 498 0.03 -8.56 -21.81
C MET A 498 0.22 -7.07 -22.11
N LYS A 499 1.48 -6.66 -22.22
CA LYS A 499 1.82 -5.27 -22.53
C LYS A 499 1.61 -5.02 -24.02
N ASN A 500 2.03 -5.98 -24.84
CA ASN A 500 1.88 -5.87 -26.30
C ASN A 500 0.41 -5.98 -26.69
N LYS A 501 -0.41 -6.42 -25.75
CA LYS A 501 -1.83 -6.60 -25.99
C LYS A 501 -2.69 -5.43 -25.58
N TYR A 502 -2.39 -4.83 -24.42
CA TYR A 502 -3.17 -3.71 -23.92
C TYR A 502 -2.56 -2.31 -24.05
N ASP A 503 -1.25 -2.23 -24.23
CA ASP A 503 -0.57 -0.95 -24.39
C ASP A 503 0.70 -1.12 -25.21
N PRO A 504 0.55 -1.58 -26.47
CA PRO A 504 1.69 -1.81 -27.37
C PRO A 504 2.53 -0.57 -27.64
N LYS A 505 1.96 0.61 -27.45
CA LYS A 505 2.70 1.84 -27.70
C LYS A 505 3.55 2.27 -26.49
N ARG A 506 3.45 1.54 -25.39
CA ARG A 506 4.23 1.85 -24.20
C ARG A 506 4.01 3.30 -23.75
N LEU A 507 2.76 3.69 -23.56
CA LEU A 507 2.44 5.05 -23.15
C LEU A 507 1.96 5.19 -21.71
N LEU A 508 1.40 4.12 -21.16
CA LEU A 508 0.85 4.18 -19.81
C LEU A 508 1.83 4.07 -18.63
N SER A 509 1.63 4.94 -17.65
CA SER A 509 2.44 4.99 -16.43
C SER A 509 3.93 4.78 -16.68
N PRO A 510 4.54 5.65 -17.51
CA PRO A 510 5.95 5.58 -17.85
C PRO A 510 6.87 5.75 -16.65
N GLY A 511 6.31 6.29 -15.57
CA GLY A 511 7.07 6.52 -14.35
C GLY A 511 7.55 5.25 -13.65
N GLN A 512 6.99 4.11 -14.02
CA GLN A 512 7.40 2.83 -13.43
C GLN A 512 8.74 2.43 -14.04
N ASP A 513 9.09 3.06 -15.17
CA ASP A 513 10.35 2.78 -15.87
C ASP A 513 10.48 1.33 -16.30
N ILE A 514 9.36 0.69 -16.59
CA ILE A 514 9.39 -0.70 -17.02
C ILE A 514 9.61 -0.76 -18.53
N PHE A 515 8.73 -0.09 -19.27
CA PHE A 515 8.83 -0.08 -20.72
C PHE A 515 9.24 1.32 -21.20
N ASN A 516 9.63 2.16 -20.25
CA ASN A 516 10.06 3.52 -20.53
C ASN A 516 11.30 3.84 -19.71
C1 NAG B . -23.41 2.93 -8.95
C2 NAG B . -22.60 3.31 -10.21
C3 NAG B . -23.13 4.57 -10.90
C4 NAG B . -24.64 4.52 -11.07
C5 NAG B . -25.28 4.25 -9.70
C6 NAG B . -26.80 4.20 -9.75
C7 NAG B . -20.50 2.55 -9.29
C8 NAG B . -20.24 2.70 -7.81
N2 NAG B . -21.21 3.51 -9.88
O3 NAG B . -22.51 4.71 -12.17
O4 NAG B . -25.13 5.76 -11.61
O5 NAG B . -24.82 2.98 -9.19
O6 NAG B . -27.24 3.39 -10.83
O7 NAG B . -20.09 1.56 -9.91
C1 NAG B . -25.28 5.83 -12.98
C2 NAG B . -26.38 6.85 -13.33
C3 NAG B . -26.49 7.01 -14.85
C4 NAG B . -25.12 7.33 -15.46
C5 NAG B . -24.08 6.29 -15.01
C6 NAG B . -22.68 6.64 -15.49
C7 NAG B . -28.54 7.30 -12.38
C8 NAG B . -28.47 7.75 -10.93
N2 NAG B . -27.65 6.41 -12.79
O3 NAG B . -27.40 8.05 -15.16
O4 NAG B . -25.21 7.33 -16.87
O5 NAG B . -24.03 6.24 -13.56
O6 NAG B . -21.69 6.16 -14.60
O7 NAG B . -29.40 7.78 -13.12
C1 NAG C . 20.96 2.30 24.12
C2 NAG C . 22.28 1.78 24.69
C3 NAG C . 22.75 2.70 25.83
C4 NAG C . 22.85 4.14 25.29
C5 NAG C . 21.48 4.56 24.72
C6 NAG C . 21.52 5.95 24.12
C7 NAG C . 22.50 -0.59 24.38
C8 NAG C . 22.18 -2.00 24.87
N2 NAG C . 22.13 0.42 25.16
O3 NAG C . 24.03 2.25 26.28
O4 NAG C . 23.28 5.10 26.29
O5 NAG C . 21.09 3.65 23.67
O6 NAG C . 20.23 6.55 24.17
O7 NAG C . 23.09 -0.44 23.30
C1 NAG C . 23.39 4.74 27.63
C2 NAG C . 23.17 5.98 28.51
C3 NAG C . 24.29 7.01 28.29
C4 NAG C . 25.66 6.36 28.47
C5 NAG C . 25.76 5.15 27.54
C6 NAG C . 27.08 4.42 27.70
C7 NAG C . 20.77 6.05 28.64
C8 NAG C . 20.09 5.02 27.76
N2 NAG C . 21.90 6.59 28.19
O3 NAG C . 24.15 8.07 29.22
O4 NAG C . 26.68 7.30 28.16
O5 NAG C . 24.71 4.20 27.84
O6 NAG C . 27.40 4.20 29.07
O7 NAG C . 20.26 6.36 29.72
C1 NAG D . 25.38 -5.57 25.94
C2 NAG D . 26.58 -6.50 26.17
C3 NAG D . 27.81 -5.94 25.48
C4 NAG D . 27.53 -5.64 24.00
C5 NAG D . 26.26 -4.80 23.85
C6 NAG D . 25.85 -4.63 22.40
C7 NAG D . 27.33 -7.75 28.08
C8 NAG D . 28.81 -7.74 28.45
N2 NAG D . 26.82 -6.63 27.60
O3 NAG D . 28.87 -6.88 25.58
O4 NAG D . 28.64 -4.93 23.43
O5 NAG D . 25.15 -5.43 24.53
O6 NAG D . 25.07 -5.74 21.96
O7 NAG D . 26.67 -8.78 28.22
C1 NAG D . 29.22 -5.51 22.30
C2 NAG D . 29.92 -4.42 21.47
C3 NAG D . 30.66 -5.06 20.29
C4 NAG D . 31.59 -6.17 20.78
C5 NAG D . 30.81 -7.17 21.64
C6 NAG D . 31.69 -8.25 22.23
C7 NAG D . 29.31 -2.26 20.61
C8 NAG D . 29.44 -1.99 19.11
N2 NAG D . 28.94 -3.48 20.97
O3 NAG D . 31.42 -4.07 19.61
O4 NAG D . 32.17 -6.85 19.67
O5 NAG D . 30.17 -6.48 22.74
O6 NAG D . 32.56 -7.70 23.22
O7 NAG D . 29.53 -1.35 21.41
C1 NAG E . 9.84 18.53 -1.88
C2 NAG E . 9.87 19.18 -3.26
C3 NAG E . 10.17 20.68 -3.12
C4 NAG E . 9.19 21.33 -2.14
C5 NAG E . 9.19 20.57 -0.81
C6 NAG E . 8.19 21.11 0.19
C7 NAG E . 10.55 17.54 -4.89
C8 NAG E . 11.69 16.75 -5.52
N2 NAG E . 10.88 18.54 -4.08
O3 NAG E . 10.06 21.30 -4.40
O4 NAG E . 9.58 22.68 -1.91
O5 NAG E . 8.88 19.18 -1.05
O6 NAG E . 6.86 21.04 -0.31
O7 NAG E . 9.38 17.24 -5.15
C1 NAG F . -23.25 0.10 18.24
C2 NAG F . -23.27 0.83 16.90
C3 NAG F . -22.11 1.82 16.83
C4 NAG F . -22.15 2.77 18.03
C5 NAG F . -22.19 1.95 19.33
C6 NAG F . -22.34 2.83 20.56
C7 NAG F . -24.15 -0.20 14.91
C8 NAG F . -25.24 -1.24 15.15
N2 NAG F . -23.18 -0.13 15.81
O3 NAG F . -22.19 2.57 15.63
O4 NAG F . -21.01 3.61 18.02
O5 NAG F . -23.32 1.04 19.32
O6 NAG F . -23.63 3.43 20.61
O7 NAG F . -24.22 0.53 13.92
PA FAD G . -0.60 7.19 -7.31
O1A FAD G . 0.69 7.26 -6.55
O2A FAD G . -1.23 8.48 -7.73
O5B FAD G . -0.35 6.21 -8.54
C5B FAD G . 0.38 4.97 -8.50
C4B FAD G . 0.50 4.22 -9.81
O4B FAD G . -0.80 3.65 -10.11
C3B FAD G . 0.92 5.05 -11.04
O3B FAD G . 1.79 4.35 -11.91
C2B FAD G . -0.43 5.38 -11.70
O2B FAD G . -0.43 5.70 -13.08
C1B FAD G . -1.29 4.16 -11.36
N9A FAD G . -2.72 4.43 -11.20
C8A FAD G . -3.34 5.26 -10.30
N7A FAD G . -4.65 5.26 -10.39
C5A FAD G . -4.92 4.31 -11.37
C6A FAD G . -6.14 3.79 -11.91
N6A FAD G . -7.33 4.22 -11.48
N1A FAD G . -6.06 2.78 -12.82
C2A FAD G . -4.84 2.35 -13.24
N3A FAD G . -3.63 2.80 -12.82
C4A FAD G . -3.76 3.80 -11.86
N1 FAD G . 0.78 0.73 0.34
C2 FAD G . 0.38 -0.52 0.96
O2 FAD G . 0.21 -1.57 0.30
N3 FAD G . 0.13 -0.55 2.35
C4 FAD G . 0.09 0.64 3.13
O4 FAD G . -0.28 0.56 4.37
C4X FAD G . 0.95 1.70 2.70
N5 FAD G . 0.53 2.94 3.28
C5X FAD G . 0.91 4.15 2.70
C6 FAD G . 0.94 5.33 3.50
C7 FAD G . 1.26 6.57 2.99
C7M FAD G . 1.27 7.75 3.96
C8 FAD G . 1.55 6.72 1.60
C8M FAD G . 1.91 8.08 1.01
C9 FAD G . 1.53 5.53 0.75
C9A FAD G . 1.21 4.25 1.30
N10 FAD G . 1.12 3.02 0.53
C10 FAD G . 0.81 1.84 1.14
C1' FAD G . 1.53 2.98 -0.86
C2' FAD G . 0.30 3.17 -1.81
O2' FAD G . -0.60 2.02 -1.75
C3' FAD G . 0.70 3.54 -3.22
O3' FAD G . 1.43 4.76 -3.20
C4' FAD G . -0.32 3.49 -4.38
O4' FAD G . 0.28 4.01 -5.56
C5' FAD G . -1.64 4.18 -4.07
O5' FAD G . -1.46 5.60 -3.98
P FAD G . -2.28 6.62 -4.90
O1P FAD G . -3.70 6.23 -4.87
O2P FAD G . -1.91 8.00 -4.51
O3P FAD G . -1.67 6.43 -6.39
C14 HA8 H . 3.49 1.57 2.39
C13 HA8 H . 2.37 1.37 3.19
C12 HA8 H . 2.60 1.48 4.55
C11 HA8 H . 2.62 2.68 5.26
N1 HA8 H . 2.74 4.97 6.71
C2 HA8 H . 2.92 6.05 7.46
N3 HA8 H . 2.73 6.03 8.77
C4 HA8 H . 2.33 4.90 9.38
C5 HA8 H . 2.13 3.75 8.62
C6 HA8 H . 2.35 3.81 7.26
N10 HA8 H . 2.27 2.70 6.53
N7 HA8 H . 1.75 2.79 9.47
C8 HA8 H . 1.72 3.31 10.70
N9 HA8 H . 2.07 4.59 10.65
C1 GOL I . -11.99 -11.33 10.92
O1 GOL I . -11.86 -9.97 11.34
C2 GOL I . -13.14 -11.48 9.93
O2 GOL I . -12.87 -10.65 8.78
C3 GOL I . -13.26 -12.94 9.49
O3 GOL I . -14.33 -13.08 8.56
#